data_3DR1
#
_entry.id   3DR1
#
_cell.length_a   66.100
_cell.length_b   66.100
_cell.length_c   265.600
_cell.angle_alpha   90.00
_cell.angle_beta   90.00
_cell.angle_gamma   120.00
#
_symmetry.space_group_name_H-M   'P 65 2 2'
#
loop_
_entity.id
_entity.type
_entity.pdbx_description
1 polymer 'Vitamin D3 receptor A'
2 polymer 'SRC-1 (LXXLL motif) from Nuclear receptor coactivator 1'
3 non-polymer 'MAGNESIUM ION'
4 non-polymer (1R,3R)-5-[(2E)-3-{(1S,3R)-2,2,3-trimethyl-3-[6,6,6-trifluoro-5-hydroxy-5-(trifluoromethyl)hex-3-yn-1-yl]cyclopentyl}prop-2-en-1-ylidene]cyclohexane-1,3-diol
5 water water
#
loop_
_entity_poly.entity_id
_entity_poly.type
_entity_poly.pdbx_seq_one_letter_code
_entity_poly.pdbx_strand_id
1 'polypeptide(L)'
;GSHMLSDEQMQIINSLVEAHHKTYDDSYSDFVRFRPPVREGPVTRSASRAASLHSLSDASSDSFNHSPESVDTKLNFSNL
LMMYQDSGSPDSSEEDQQSRLSMLPHLADLVSYSIQKVIGFAKMIPGFRDLTAEDQIALLKSSAIEIIMLRSNQSFSLED
MSWSCGGPDFKYCINDVTKAGHTLELLEPLVKFQVGLKKLKLHEEEHVLLMAICLLSPDRPGVQDHVRIEALQDRLCDVL
QAYIRIQHPGGRLLYAKMIQKLADLRSLNEEHSKQYRSLSFQPEHSMQLTPLVLEVFGSEVS
;
A
2 'polypeptide(L)' RHKILHRLLQEGSPS B
#
loop_
_chem_comp.id
_chem_comp.type
_chem_comp.name
_chem_comp.formula
C5D non-polymer (1R,3R)-5-[(2E)-3-{(1S,3R)-2,2,3-trimethyl-3-[6,6,6-trifluoro-5-hydroxy-5-(trifluoromethyl)hex-3-yn-1-yl]cyclopentyl}prop-2-en-1-ylidene]cyclohexane-1,3-diol 'C24 H32 F6 O3'
MG non-polymer 'MAGNESIUM ION' 'Mg 2'
#
# COMPACT_ATOMS: atom_id res chain seq x y z
N SER A 2 25.18 13.50 15.75
CA SER A 2 25.23 13.17 17.20
C SER A 2 25.19 11.65 17.43
N HIS A 3 24.79 10.92 16.39
CA HIS A 3 24.71 9.47 16.46
C HIS A 3 25.05 8.87 15.11
N MET A 4 24.55 7.66 14.89
CA MET A 4 24.75 6.94 13.64
C MET A 4 24.13 5.56 13.74
N LEU A 5 23.26 5.24 12.80
CA LEU A 5 22.56 3.96 12.75
C LEU A 5 23.50 2.80 13.03
N SER A 6 22.94 1.71 13.54
CA SER A 6 23.73 0.52 13.85
C SER A 6 23.81 -0.32 12.59
N ASP A 7 24.72 -1.27 12.59
CA ASP A 7 24.86 -2.13 11.42
C ASP A 7 23.55 -2.84 11.10
N GLU A 8 22.93 -3.43 12.11
CA GLU A 8 21.68 -4.16 11.91
C GLU A 8 20.60 -3.30 11.28
N GLN A 9 20.36 -2.13 11.86
CA GLN A 9 19.33 -1.24 11.33
C GLN A 9 19.58 -0.91 9.86
N MET A 10 20.84 -0.62 9.55
CA MET A 10 21.23 -0.27 8.20
C MET A 10 21.00 -1.41 7.20
N GLN A 11 21.26 -2.64 7.61
CA GLN A 11 21.05 -3.77 6.72
C GLN A 11 19.56 -3.91 6.43
N ILE A 12 18.75 -3.46 7.40
CA ILE A 12 17.29 -3.52 7.25
C ILE A 12 16.87 -2.52 6.18
N ILE A 13 17.48 -1.33 6.22
CA ILE A 13 17.18 -0.30 5.24
C ILE A 13 17.60 -0.75 3.84
N ASN A 14 18.74 -1.41 3.73
CA ASN A 14 19.18 -1.88 2.43
C ASN A 14 18.18 -2.90 1.90
N SER A 15 17.62 -3.70 2.80
CA SER A 15 16.63 -4.73 2.41
C SER A 15 15.31 -4.15 1.94
N LEU A 16 14.78 -3.16 2.65
CA LEU A 16 13.52 -2.56 2.27
C LEU A 16 13.65 -1.77 0.97
N VAL A 17 14.74 -1.01 0.83
CA VAL A 17 14.97 -0.23 -0.38
C VAL A 17 15.17 -1.13 -1.58
N GLU A 18 15.94 -2.19 -1.40
CA GLU A 18 16.17 -3.09 -2.50
C GLU A 18 14.84 -3.76 -2.87
N ALA A 19 14.11 -4.19 -1.85
CA ALA A 19 12.82 -4.84 -2.00
C ALA A 19 11.86 -3.97 -2.81
N HIS A 20 11.81 -2.69 -2.49
CA HIS A 20 10.96 -1.76 -3.20
C HIS A 20 11.37 -1.62 -4.67
N HIS A 21 12.66 -1.51 -4.93
CA HIS A 21 13.16 -1.37 -6.30
C HIS A 21 12.79 -2.59 -7.12
N LYS A 22 12.80 -3.73 -6.47
CA LYS A 22 12.49 -4.99 -7.09
C LYS A 22 10.98 -5.15 -7.35
N THR A 23 10.16 -4.39 -6.64
CA THR A 23 8.72 -4.47 -6.77
C THR A 23 7.99 -3.18 -7.18
N TYR A 24 8.73 -2.24 -7.75
CA TYR A 24 8.13 -0.99 -8.19
C TYR A 24 8.89 -0.40 -9.39
N ASP A 25 8.21 -0.29 -10.52
CA ASP A 25 8.80 0.25 -11.74
C ASP A 25 8.33 1.67 -12.02
N ASP A 26 9.27 2.60 -12.06
CA ASP A 26 8.94 4.00 -12.33
C ASP A 26 8.56 4.27 -13.78
N SER A 27 8.56 3.22 -14.60
CA SER A 27 8.20 3.37 -16.01
C SER A 27 6.75 2.94 -16.25
N TYR A 28 6.20 2.17 -15.31
CA TYR A 28 4.82 1.71 -15.42
C TYR A 28 4.57 1.03 -16.75
N SER A 29 5.59 0.33 -17.25
CA SER A 29 5.48 -0.33 -18.54
C SER A 29 4.55 -1.52 -18.55
N ASP A 30 4.32 -2.14 -17.40
CA ASP A 30 3.43 -3.29 -17.34
C ASP A 30 1.96 -2.95 -17.47
N PHE A 31 1.61 -1.67 -17.38
CA PHE A 31 0.21 -1.28 -17.49
C PHE A 31 -0.45 -1.60 -18.83
N VAL A 32 0.36 -1.78 -19.89
CA VAL A 32 -0.22 -2.07 -21.20
C VAL A 32 -0.83 -3.46 -21.21
N ARG A 33 -0.55 -4.24 -20.18
CA ARG A 33 -1.12 -5.58 -20.13
C ARG A 33 -2.44 -5.62 -19.38
N PHE A 34 -2.81 -4.51 -18.75
CA PHE A 34 -4.08 -4.44 -18.02
C PHE A 34 -5.20 -4.24 -19.06
N ARG A 35 -6.44 -4.54 -18.68
CA ARG A 35 -7.53 -4.31 -19.60
C ARG A 35 -7.47 -2.78 -19.78
N PRO A 36 -7.50 -2.30 -21.03
CA PRO A 36 -7.44 -0.87 -21.31
C PRO A 36 -8.51 -0.04 -20.65
N PRO A 37 -8.13 1.14 -20.14
CA PRO A 37 -9.07 2.05 -19.47
C PRO A 37 -10.09 2.63 -20.44
N VAL A 38 -11.16 3.19 -19.90
CA VAL A 38 -12.20 3.80 -20.72
C VAL A 38 -12.87 4.91 -19.94
N ARG A 39 -12.77 6.14 -20.44
CA ARG A 39 -13.36 7.29 -19.75
C ARG A 39 -14.28 8.09 -20.66
N ARG A 100 -21.36 2.46 -17.65
CA ARG A 100 -21.53 2.58 -16.21
C ARG A 100 -20.15 2.68 -15.53
N LEU A 101 -19.69 1.61 -14.89
CA LEU A 101 -18.38 1.65 -14.25
C LEU A 101 -17.36 1.27 -15.31
N SER A 102 -17.07 2.24 -16.17
CA SER A 102 -16.16 2.09 -17.29
C SER A 102 -14.68 1.87 -16.99
N MET A 103 -14.19 2.46 -15.90
CA MET A 103 -12.79 2.30 -15.52
C MET A 103 -12.58 1.11 -14.61
N LEU A 104 -13.67 0.48 -14.18
CA LEU A 104 -13.57 -0.65 -13.27
C LEU A 104 -12.61 -1.76 -13.72
N PRO A 105 -12.69 -2.20 -14.99
CA PRO A 105 -11.80 -3.25 -15.47
C PRO A 105 -10.31 -2.88 -15.40
N HIS A 106 -9.98 -1.68 -15.83
CA HIS A 106 -8.60 -1.24 -15.82
C HIS A 106 -8.08 -1.08 -14.40
N LEU A 107 -8.83 -0.37 -13.56
CA LEU A 107 -8.40 -0.18 -12.18
C LEU A 107 -8.35 -1.48 -11.37
N ALA A 108 -9.26 -2.40 -11.65
CA ALA A 108 -9.27 -3.67 -10.94
C ALA A 108 -7.93 -4.34 -11.23
N ASP A 109 -7.49 -4.26 -12.49
CA ASP A 109 -6.21 -4.83 -12.91
C ASP A 109 -5.01 -4.08 -12.31
N LEU A 110 -5.15 -2.77 -12.13
CA LEU A 110 -4.07 -1.98 -11.56
C LEU A 110 -3.88 -2.42 -10.11
N VAL A 111 -5.00 -2.45 -9.38
CA VAL A 111 -4.99 -2.85 -7.98
C VAL A 111 -4.48 -4.28 -7.79
N SER A 112 -4.95 -5.18 -8.63
CA SER A 112 -4.57 -6.59 -8.57
C SER A 112 -3.06 -6.75 -8.74
N TYR A 113 -2.54 -6.05 -9.73
CA TYR A 113 -1.12 -6.08 -10.06
C TYR A 113 -0.35 -5.56 -8.84
N SER A 114 -0.87 -4.50 -8.22
CA SER A 114 -0.24 -3.90 -7.06
C SER A 114 -0.18 -4.84 -5.86
N ILE A 115 -1.26 -5.61 -5.65
CA ILE A 115 -1.29 -6.56 -4.55
C ILE A 115 -0.16 -7.56 -4.76
N GLN A 116 0.02 -7.98 -6.02
CA GLN A 116 1.09 -8.92 -6.35
C GLN A 116 2.43 -8.31 -5.99
N LYS A 117 2.54 -7.01 -6.20
CA LYS A 117 3.77 -6.28 -5.91
C LYS A 117 3.93 -6.06 -4.41
N VAL A 118 2.83 -5.79 -3.71
CA VAL A 118 2.88 -5.57 -2.27
C VAL A 118 3.26 -6.86 -1.56
N ILE A 119 2.86 -7.99 -2.11
CA ILE A 119 3.16 -9.29 -1.53
C ILE A 119 4.65 -9.55 -1.69
N GLY A 120 5.19 -9.20 -2.86
CA GLY A 120 6.61 -9.40 -3.11
C GLY A 120 7.44 -8.59 -2.14
N PHE A 121 7.01 -7.36 -1.89
CA PHE A 121 7.70 -6.47 -0.97
C PHE A 121 7.64 -7.05 0.44
N ALA A 122 6.43 -7.39 0.87
CA ALA A 122 6.17 -7.95 2.19
C ALA A 122 7.07 -9.15 2.49
N LYS A 123 7.18 -10.05 1.53
CA LYS A 123 8.00 -11.25 1.69
C LYS A 123 9.45 -10.89 1.92
N MET A 124 9.82 -9.65 1.63
CA MET A 124 11.19 -9.24 1.82
C MET A 124 11.39 -8.33 3.03
N ILE A 125 10.31 -8.08 3.77
CA ILE A 125 10.39 -7.29 4.98
C ILE A 125 11.04 -8.23 5.99
N PRO A 126 12.15 -7.83 6.61
CA PRO A 126 12.83 -8.69 7.58
C PRO A 126 11.94 -9.14 8.75
N GLY A 127 11.65 -10.43 8.81
CA GLY A 127 10.81 -10.94 9.88
C GLY A 127 9.49 -11.53 9.41
N PHE A 128 8.87 -10.88 8.44
CA PHE A 128 7.59 -11.29 7.87
C PHE A 128 7.53 -12.78 7.44
N ARG A 129 8.53 -13.25 6.69
CA ARG A 129 8.53 -14.62 6.23
C ARG A 129 8.43 -15.62 7.39
N ASP A 130 8.85 -15.22 8.58
CA ASP A 130 8.78 -16.13 9.72
C ASP A 130 7.48 -16.12 10.48
N LEU A 131 6.48 -15.41 9.96
CA LEU A 131 5.20 -15.39 10.63
C LEU A 131 4.41 -16.58 10.10
N THR A 132 3.26 -16.83 10.69
CA THR A 132 2.41 -17.93 10.25
C THR A 132 1.68 -17.45 9.02
N ALA A 133 1.62 -18.30 8.01
CA ALA A 133 0.93 -17.97 6.77
C ALA A 133 -0.35 -17.22 7.09
N GLU A 134 -1.04 -17.67 8.13
CA GLU A 134 -2.29 -17.05 8.53
C GLU A 134 -2.12 -15.58 8.91
N ASP A 135 -1.06 -15.26 9.63
CA ASP A 135 -0.82 -13.88 10.03
C ASP A 135 -0.32 -13.06 8.85
N GLN A 136 0.43 -13.71 7.96
CA GLN A 136 0.92 -13.03 6.77
C GLN A 136 -0.31 -12.63 5.98
N ILE A 137 -1.20 -13.60 5.77
CA ILE A 137 -2.43 -13.35 5.06
C ILE A 137 -3.22 -12.27 5.79
N ALA A 138 -3.46 -12.47 7.08
CA ALA A 138 -4.23 -11.51 7.86
C ALA A 138 -3.69 -10.09 7.70
N LEU A 139 -2.38 -9.95 7.79
CA LEU A 139 -1.73 -8.65 7.65
C LEU A 139 -1.87 -8.11 6.22
N LEU A 140 -1.58 -8.96 5.23
CA LEU A 140 -1.72 -8.53 3.83
C LEU A 140 -3.16 -8.10 3.58
N LYS A 141 -4.12 -8.98 3.89
CA LYS A 141 -5.53 -8.66 3.68
C LYS A 141 -5.96 -7.33 4.27
N SER A 142 -5.66 -7.09 5.53
CA SER A 142 -6.07 -5.83 6.15
C SER A 142 -5.30 -4.60 5.70
N SER A 143 -4.00 -4.73 5.43
CA SER A 143 -3.22 -3.57 5.01
C SER A 143 -3.06 -3.34 3.51
N ALA A 144 -3.30 -4.38 2.72
CA ALA A 144 -3.16 -4.27 1.27
C ALA A 144 -3.49 -2.89 0.73
N ILE A 145 -4.74 -2.50 0.85
CA ILE A 145 -5.20 -1.22 0.34
C ILE A 145 -4.38 -0.02 0.85
N GLU A 146 -3.89 -0.11 2.07
CA GLU A 146 -3.11 0.99 2.63
C GLU A 146 -1.74 1.06 1.97
N ILE A 147 -1.12 -0.11 1.79
CA ILE A 147 0.19 -0.18 1.16
C ILE A 147 0.12 0.36 -0.26
N ILE A 148 -0.98 0.06 -0.95
CA ILE A 148 -1.17 0.51 -2.32
C ILE A 148 -1.33 2.02 -2.38
N MET A 149 -1.97 2.59 -1.37
CA MET A 149 -2.17 4.04 -1.33
C MET A 149 -0.84 4.74 -1.04
N LEU A 150 -0.04 4.13 -0.17
CA LEU A 150 1.26 4.69 0.19
C LEU A 150 2.20 4.69 -1.00
N ARG A 151 2.34 3.52 -1.65
CA ARG A 151 3.24 3.42 -2.80
C ARG A 151 2.76 4.21 -4.00
N SER A 152 1.45 4.46 -4.07
CA SER A 152 0.90 5.20 -5.18
C SER A 152 1.41 6.62 -5.17
N ASN A 153 1.76 7.11 -3.98
CA ASN A 153 2.26 8.46 -3.83
C ASN A 153 3.38 8.74 -4.82
N GLN A 154 4.20 7.72 -5.04
CA GLN A 154 5.31 7.78 -5.98
C GLN A 154 4.86 8.28 -7.36
N SER A 155 3.63 7.99 -7.74
CA SER A 155 3.13 8.42 -9.05
C SER A 155 2.22 9.64 -8.97
N PHE A 156 1.81 10.00 -7.77
CA PHE A 156 0.93 11.15 -7.61
C PHE A 156 1.65 12.43 -8.02
N SER A 157 0.93 13.34 -8.67
CA SER A 157 1.49 14.60 -9.12
C SER A 157 0.74 15.76 -8.48
N LEU A 158 1.43 16.57 -7.69
CA LEU A 158 0.80 17.72 -7.05
C LEU A 158 0.35 18.67 -8.14
N GLU A 159 1.08 18.66 -9.25
CA GLU A 159 0.77 19.54 -10.37
C GLU A 159 -0.70 19.41 -10.76
N ASP A 160 -1.05 18.27 -11.33
CA ASP A 160 -2.42 18.01 -11.78
C ASP A 160 -3.26 17.18 -10.81
N MET A 161 -2.78 17.06 -9.57
CA MET A 161 -3.50 16.30 -8.55
C MET A 161 -3.97 14.93 -9.04
N SER A 162 -3.06 14.16 -9.62
CA SER A 162 -3.42 12.83 -10.12
C SER A 162 -2.22 11.88 -10.15
N TRP A 163 -2.50 10.61 -10.40
CA TRP A 163 -1.47 9.59 -10.48
C TRP A 163 -1.11 9.50 -11.96
N SER A 164 0.12 9.86 -12.30
CA SER A 164 0.53 9.85 -13.70
C SER A 164 1.52 8.72 -13.98
N CYS A 165 1.01 7.66 -14.58
CA CYS A 165 1.83 6.50 -14.88
C CYS A 165 2.02 6.34 -16.38
N GLY A 166 1.79 7.45 -17.08
CA GLY A 166 1.90 7.48 -18.52
C GLY A 166 1.09 8.67 -18.94
N GLY A 167 -0.08 8.42 -19.53
CA GLY A 167 -0.91 9.53 -19.92
C GLY A 167 -0.90 9.80 -21.41
N PRO A 168 -2.02 10.32 -21.94
CA PRO A 168 -3.21 10.61 -21.11
C PRO A 168 -3.94 9.32 -20.70
N ASP A 169 -3.48 8.20 -21.26
CA ASP A 169 -4.04 6.88 -21.01
C ASP A 169 -3.87 6.34 -19.60
N PHE A 170 -2.70 6.55 -19.01
CA PHE A 170 -2.43 6.06 -17.67
C PHE A 170 -2.31 7.17 -16.62
N LYS A 171 -3.06 8.24 -16.82
CA LYS A 171 -3.09 9.36 -15.88
C LYS A 171 -4.45 9.20 -15.20
N TYR A 172 -4.44 9.03 -13.88
CA TYR A 172 -5.69 8.81 -13.16
C TYR A 172 -6.17 9.97 -12.31
N CYS A 173 -7.29 10.57 -12.71
CA CYS A 173 -7.90 11.69 -12.00
C CYS A 173 -8.99 11.14 -11.09
N ILE A 174 -9.54 11.98 -10.24
CA ILE A 174 -10.61 11.56 -9.33
C ILE A 174 -11.80 11.05 -10.13
N ASN A 175 -12.13 11.77 -11.21
CA ASN A 175 -13.26 11.40 -12.06
C ASN A 175 -13.14 9.94 -12.49
N ASP A 176 -11.96 9.54 -12.93
CA ASP A 176 -11.71 8.17 -13.39
C ASP A 176 -12.05 7.12 -12.34
N VAL A 177 -11.58 7.33 -11.11
CA VAL A 177 -11.83 6.39 -10.03
C VAL A 177 -13.34 6.32 -9.76
N THR A 178 -14.06 7.37 -10.15
CA THR A 178 -15.51 7.39 -9.96
C THR A 178 -16.15 6.45 -10.97
N LYS A 179 -15.54 6.34 -12.14
CA LYS A 179 -16.06 5.46 -13.18
C LYS A 179 -15.71 4.02 -12.87
N ALA A 180 -15.12 3.80 -11.70
CA ALA A 180 -14.76 2.46 -11.26
C ALA A 180 -15.60 2.10 -10.04
N GLY A 181 -16.56 2.96 -9.72
CA GLY A 181 -17.45 2.67 -8.61
C GLY A 181 -17.11 3.24 -7.24
N HIS A 182 -16.31 4.30 -7.19
CA HIS A 182 -15.96 4.91 -5.92
C HIS A 182 -16.45 6.35 -5.87
N THR A 183 -16.66 6.87 -4.67
CA THR A 183 -17.17 8.22 -4.52
C THR A 183 -16.17 9.20 -3.92
N LEU A 184 -16.58 10.47 -3.90
CA LEU A 184 -15.75 11.53 -3.36
C LEU A 184 -15.55 11.38 -1.87
N GLU A 185 -16.39 10.56 -1.24
CA GLU A 185 -16.29 10.32 0.19
C GLU A 185 -14.96 9.62 0.47
N LEU A 186 -14.41 9.00 -0.56
CA LEU A 186 -13.14 8.29 -0.47
C LEU A 186 -12.06 9.10 -1.17
N LEU A 187 -12.33 9.45 -2.42
CA LEU A 187 -11.41 10.22 -3.24
C LEU A 187 -11.04 11.57 -2.62
N GLU A 188 -11.98 12.21 -1.93
CA GLU A 188 -11.70 13.51 -1.32
C GLU A 188 -10.53 13.36 -0.33
N PRO A 189 -10.71 12.51 0.71
CA PRO A 189 -9.61 12.34 1.67
C PRO A 189 -8.36 11.74 1.04
N LEU A 190 -8.55 10.93 0.01
CA LEU A 190 -7.42 10.29 -0.65
C LEU A 190 -6.45 11.32 -1.19
N VAL A 191 -6.90 12.13 -2.16
CA VAL A 191 -6.02 13.13 -2.74
C VAL A 191 -5.44 14.01 -1.66
N LYS A 192 -6.27 14.34 -0.67
CA LYS A 192 -5.82 15.17 0.44
C LYS A 192 -4.62 14.49 1.11
N PHE A 193 -4.75 13.19 1.34
CA PHE A 193 -3.70 12.40 1.95
C PHE A 193 -2.47 12.37 1.04
N GLN A 194 -2.71 12.13 -0.25
CA GLN A 194 -1.62 12.08 -1.22
C GLN A 194 -0.84 13.39 -1.23
N VAL A 195 -1.55 14.50 -1.21
CA VAL A 195 -0.93 15.82 -1.21
C VAL A 195 -0.09 16.00 0.04
N GLY A 196 -0.71 15.89 1.20
CA GLY A 196 0.02 16.05 2.44
C GLY A 196 1.24 15.16 2.51
N LEU A 197 1.11 13.92 2.04
CA LEU A 197 2.20 12.95 2.06
C LEU A 197 3.32 13.36 1.11
N LYS A 198 2.96 13.85 -0.06
CA LYS A 198 3.93 14.27 -1.06
C LYS A 198 4.77 15.43 -0.50
N LYS A 199 4.09 16.36 0.15
CA LYS A 199 4.74 17.52 0.75
C LYS A 199 5.82 17.15 1.74
N LEU A 200 5.75 15.94 2.30
CA LEU A 200 6.74 15.53 3.27
C LEU A 200 8.11 15.24 2.66
N LYS A 201 8.17 15.17 1.33
CA LYS A 201 9.43 14.89 0.63
C LYS A 201 10.24 13.82 1.34
N LEU A 202 9.63 12.66 1.53
CA LEU A 202 10.31 11.57 2.23
C LEU A 202 11.49 11.03 1.44
N HIS A 203 12.54 10.63 2.17
CA HIS A 203 13.68 10.04 1.53
C HIS A 203 13.16 8.66 1.17
N GLU A 204 13.67 8.09 0.10
CA GLU A 204 13.24 6.77 -0.30
C GLU A 204 13.27 5.85 0.93
N GLU A 205 14.34 5.95 1.70
CA GLU A 205 14.49 5.12 2.90
C GLU A 205 13.32 5.26 3.86
N GLU A 206 12.85 6.48 4.04
CA GLU A 206 11.73 6.72 4.94
C GLU A 206 10.42 6.25 4.32
N HIS A 207 10.33 6.30 3.00
CA HIS A 207 9.13 5.88 2.28
C HIS A 207 8.95 4.38 2.39
N VAL A 208 10.06 3.66 2.29
CA VAL A 208 10.02 2.21 2.34
C VAL A 208 9.73 1.73 3.78
N LEU A 209 10.22 2.48 4.76
CA LEU A 209 10.01 2.12 6.16
C LEU A 209 8.55 2.30 6.53
N LEU A 210 7.99 3.44 6.15
CA LEU A 210 6.61 3.73 6.44
C LEU A 210 5.73 2.59 5.92
N MET A 211 6.06 2.06 4.75
CA MET A 211 5.30 0.97 4.16
C MET A 211 5.44 -0.32 4.98
N ALA A 212 6.68 -0.64 5.34
CA ALA A 212 6.95 -1.84 6.12
C ALA A 212 6.31 -1.75 7.50
N ILE A 213 6.23 -0.54 8.03
CA ILE A 213 5.64 -0.28 9.33
C ILE A 213 4.13 -0.44 9.27
N CYS A 214 3.53 0.09 8.21
CA CYS A 214 2.09 0.01 8.02
C CYS A 214 1.62 -1.43 7.91
N LEU A 215 2.42 -2.26 7.24
CA LEU A 215 2.08 -3.66 7.05
C LEU A 215 2.13 -4.48 8.34
N LEU A 216 3.07 -4.13 9.21
CA LEU A 216 3.23 -4.84 10.47
C LEU A 216 2.43 -4.24 11.61
N SER A 217 1.32 -3.58 11.30
CA SER A 217 0.47 -3.01 12.34
C SER A 217 -0.20 -4.21 12.98
N PRO A 218 0.06 -4.46 14.27
CA PRO A 218 -0.55 -5.60 14.97
C PRO A 218 -2.08 -5.47 15.17
N ASP A 219 -2.55 -4.23 15.10
CA ASP A 219 -3.95 -3.90 15.26
C ASP A 219 -4.81 -4.22 14.02
N ARG A 220 -4.71 -5.45 13.52
CA ARG A 220 -5.47 -5.85 12.33
C ARG A 220 -6.44 -6.98 12.62
N PRO A 221 -7.69 -6.86 12.14
CA PRO A 221 -8.64 -7.94 12.40
C PRO A 221 -8.18 -9.23 11.76
N GLY A 222 -8.10 -10.30 12.55
CA GLY A 222 -7.68 -11.58 12.04
C GLY A 222 -6.29 -11.98 12.51
N VAL A 223 -5.54 -11.02 13.05
CA VAL A 223 -4.19 -11.30 13.52
C VAL A 223 -4.16 -12.18 14.76
N GLN A 224 -3.26 -13.16 14.76
CA GLN A 224 -3.10 -14.08 15.88
C GLN A 224 -2.00 -13.56 16.81
N ASP A 225 -0.78 -14.02 16.59
CA ASP A 225 0.36 -13.63 17.39
C ASP A 225 0.57 -12.11 17.31
N HIS A 226 -0.35 -11.35 17.89
CA HIS A 226 -0.27 -9.89 17.85
C HIS A 226 0.84 -9.32 18.71
N VAL A 227 1.63 -10.19 19.32
CA VAL A 227 2.74 -9.73 20.13
C VAL A 227 4.03 -9.74 19.32
N ARG A 228 4.24 -10.75 18.49
CA ARG A 228 5.46 -10.77 17.68
C ARG A 228 5.39 -9.70 16.60
N ILE A 229 4.16 -9.39 16.17
CA ILE A 229 3.93 -8.37 15.16
C ILE A 229 4.21 -7.00 15.77
N GLU A 230 3.72 -6.79 16.98
CA GLU A 230 3.94 -5.54 17.69
C GLU A 230 5.44 -5.30 17.83
N ALA A 231 6.19 -6.37 18.09
CA ALA A 231 7.63 -6.28 18.25
C ALA A 231 8.33 -5.78 16.99
N LEU A 232 8.10 -6.49 15.89
CA LEU A 232 8.70 -6.17 14.60
C LEU A 232 8.37 -4.76 14.16
N GLN A 233 7.12 -4.35 14.32
CA GLN A 233 6.75 -3.01 13.92
C GLN A 233 7.56 -1.99 14.74
N ASP A 234 7.82 -2.31 16.01
CA ASP A 234 8.59 -1.43 16.88
C ASP A 234 10.04 -1.36 16.44
N ARG A 235 10.59 -2.50 16.03
CA ARG A 235 11.98 -2.53 15.58
C ARG A 235 12.13 -1.57 14.38
N LEU A 236 11.16 -1.61 13.48
CA LEU A 236 11.15 -0.77 12.29
C LEU A 236 10.88 0.68 12.66
N CYS A 237 9.99 0.91 13.62
CA CYS A 237 9.71 2.28 14.04
C CYS A 237 11.00 2.92 14.57
N ASP A 238 11.87 2.10 15.15
CA ASP A 238 13.14 2.56 15.68
C ASP A 238 14.03 3.07 14.55
N VAL A 239 14.31 2.18 13.61
CA VAL A 239 15.15 2.49 12.46
C VAL A 239 14.65 3.74 11.75
N LEU A 240 13.34 3.92 11.68
CA LEU A 240 12.77 5.10 11.04
C LEU A 240 13.06 6.35 11.87
N GLN A 241 12.85 6.25 13.17
CA GLN A 241 13.08 7.38 14.07
C GLN A 241 14.56 7.73 14.04
N ALA A 242 15.41 6.72 14.23
CA ALA A 242 16.84 6.95 14.22
C ALA A 242 17.25 7.60 12.91
N TYR A 243 16.87 6.98 11.79
CA TYR A 243 17.22 7.50 10.48
C TYR A 243 16.89 8.98 10.29
N ILE A 244 15.67 9.39 10.66
CA ILE A 244 15.29 10.78 10.50
C ILE A 244 16.14 11.73 11.36
N ARG A 245 16.50 11.25 12.55
CA ARG A 245 17.31 12.05 13.45
C ARG A 245 18.71 12.24 12.88
N ILE A 246 19.25 11.17 12.32
CA ILE A 246 20.59 11.18 11.77
C ILE A 246 20.74 11.64 10.31
N GLN A 247 19.98 11.03 9.40
CA GLN A 247 20.08 11.38 7.99
C GLN A 247 19.13 12.44 7.48
N HIS A 248 18.17 12.87 8.29
CA HIS A 248 17.21 13.85 7.82
C HIS A 248 17.33 15.26 8.37
N PRO A 249 18.07 16.13 7.66
CA PRO A 249 18.26 17.52 8.06
C PRO A 249 16.94 18.29 8.04
N GLY A 250 16.54 18.82 9.19
CA GLY A 250 15.31 19.57 9.26
C GLY A 250 14.12 18.73 9.63
N GLY A 251 14.34 17.44 9.89
CA GLY A 251 13.25 16.56 10.24
C GLY A 251 13.16 16.22 11.72
N ARG A 252 12.44 17.05 12.47
CA ARG A 252 12.29 16.81 13.91
C ARG A 252 10.86 16.41 14.25
N LEU A 253 9.90 16.89 13.46
CA LEU A 253 8.50 16.57 13.67
C LEU A 253 8.01 15.61 12.58
N LEU A 254 8.94 15.21 11.71
CA LEU A 254 8.61 14.30 10.62
C LEU A 254 8.02 13.01 11.14
N TYR A 255 8.73 12.34 12.04
CA TYR A 255 8.27 11.09 12.61
C TYR A 255 6.81 11.17 13.05
N ALA A 256 6.49 12.24 13.77
CA ALA A 256 5.13 12.44 14.24
C ALA A 256 4.17 12.54 13.05
N LYS A 257 4.57 13.34 12.07
CA LYS A 257 3.75 13.53 10.87
C LYS A 257 3.54 12.21 10.15
N MET A 258 4.55 11.35 10.19
CA MET A 258 4.48 10.05 9.53
C MET A 258 3.55 9.07 10.22
N ILE A 259 3.67 8.94 11.53
CA ILE A 259 2.80 8.04 12.28
C ILE A 259 1.37 8.51 12.13
N GLN A 260 1.18 9.82 11.99
CA GLN A 260 -0.16 10.37 11.82
C GLN A 260 -0.76 9.90 10.49
N LYS A 261 0.10 9.79 9.48
CA LYS A 261 -0.34 9.34 8.17
C LYS A 261 -0.93 7.94 8.30
N LEU A 262 -0.33 7.11 9.15
CA LEU A 262 -0.83 5.75 9.35
C LEU A 262 -2.28 5.81 9.83
N ALA A 263 -2.56 6.76 10.72
CA ALA A 263 -3.90 6.91 11.25
C ALA A 263 -4.87 7.32 10.15
N ASP A 264 -4.43 8.20 9.25
CA ASP A 264 -5.28 8.66 8.16
C ASP A 264 -5.54 7.50 7.22
N LEU A 265 -4.62 6.55 7.19
CA LEU A 265 -4.75 5.40 6.31
C LEU A 265 -5.93 4.54 6.73
N ARG A 266 -6.10 4.37 8.03
CA ARG A 266 -7.19 3.55 8.57
C ARG A 266 -8.54 4.07 8.11
N SER A 267 -8.70 5.39 8.11
CA SER A 267 -9.97 5.97 7.67
C SER A 267 -10.20 5.70 6.19
N LEU A 268 -9.13 5.83 5.41
CA LEU A 268 -9.22 5.59 3.98
C LEU A 268 -9.51 4.11 3.75
N ASN A 269 -8.89 3.26 4.56
CA ASN A 269 -9.09 1.82 4.44
C ASN A 269 -10.56 1.51 4.70
N GLU A 270 -11.03 1.93 5.88
CA GLU A 270 -12.40 1.70 6.29
C GLU A 270 -13.37 2.16 5.22
N GLU A 271 -13.18 3.37 4.74
CA GLU A 271 -14.08 3.89 3.71
C GLU A 271 -14.04 2.98 2.49
N HIS A 272 -12.84 2.67 2.01
CA HIS A 272 -12.68 1.81 0.86
C HIS A 272 -13.39 0.47 1.06
N SER A 273 -13.24 -0.11 2.25
CA SER A 273 -13.87 -1.39 2.55
C SER A 273 -15.38 -1.34 2.39
N LYS A 274 -16.00 -0.27 2.90
CA LYS A 274 -17.45 -0.13 2.78
C LYS A 274 -17.84 0.03 1.33
N GLN A 275 -17.14 0.93 0.64
CA GLN A 275 -17.45 1.16 -0.76
C GLN A 275 -17.17 -0.09 -1.57
N TYR A 276 -16.17 -0.85 -1.17
CA TYR A 276 -15.82 -2.07 -1.87
C TYR A 276 -16.89 -3.15 -1.67
N ARG A 277 -17.37 -3.28 -0.43
CA ARG A 277 -18.38 -4.27 -0.06
C ARG A 277 -19.62 -4.13 -0.92
N SER A 278 -20.04 -2.88 -1.14
CA SER A 278 -21.22 -2.58 -1.93
C SER A 278 -21.04 -3.01 -3.39
N LEU A 279 -19.87 -2.67 -3.94
CA LEU A 279 -19.52 -3.01 -5.30
C LEU A 279 -19.45 -4.55 -5.39
N SER A 280 -18.82 -5.13 -4.39
CA SER A 280 -18.63 -6.57 -4.28
C SER A 280 -19.92 -7.38 -4.32
N PHE A 281 -20.99 -6.87 -3.73
CA PHE A 281 -22.25 -7.60 -3.71
C PHE A 281 -23.04 -7.55 -5.00
N GLN A 282 -22.67 -6.64 -5.89
CA GLN A 282 -23.35 -6.54 -7.17
C GLN A 282 -22.59 -7.40 -8.18
N PRO A 283 -23.11 -8.61 -8.46
CA PRO A 283 -22.47 -9.52 -9.40
C PRO A 283 -22.06 -8.95 -10.76
N GLU A 284 -22.80 -7.99 -11.28
CA GLU A 284 -22.44 -7.42 -12.58
C GLU A 284 -21.16 -6.63 -12.47
N HIS A 285 -20.82 -6.22 -11.26
CA HIS A 285 -19.61 -5.47 -11.04
C HIS A 285 -18.50 -6.38 -10.52
N SER A 286 -18.83 -7.26 -9.58
CA SER A 286 -17.82 -8.16 -9.04
C SER A 286 -17.25 -9.03 -10.16
N MET A 287 -18.02 -9.23 -11.22
CA MET A 287 -17.54 -10.05 -12.34
C MET A 287 -16.43 -9.35 -13.14
N GLN A 288 -16.21 -8.07 -12.88
CA GLN A 288 -15.18 -7.27 -13.54
C GLN A 288 -13.87 -7.32 -12.74
N LEU A 289 -13.96 -7.69 -11.47
CA LEU A 289 -12.82 -7.79 -10.58
C LEU A 289 -11.96 -8.97 -10.98
N THR A 290 -10.87 -9.18 -10.26
CA THR A 290 -9.97 -10.30 -10.54
C THR A 290 -10.01 -11.26 -9.36
N PRO A 291 -9.68 -12.54 -9.59
CA PRO A 291 -9.71 -13.50 -8.49
C PRO A 291 -8.89 -13.09 -7.24
N LEU A 292 -7.70 -12.54 -7.46
CA LEU A 292 -6.86 -12.10 -6.33
C LEU A 292 -7.49 -10.96 -5.53
N VAL A 293 -8.09 -9.99 -6.23
CA VAL A 293 -8.74 -8.87 -5.58
C VAL A 293 -9.90 -9.38 -4.74
N LEU A 294 -10.65 -10.31 -5.32
CA LEU A 294 -11.80 -10.90 -4.64
C LEU A 294 -11.36 -11.64 -3.38
N GLU A 295 -10.21 -12.28 -3.47
CA GLU A 295 -9.65 -13.05 -2.36
C GLU A 295 -9.12 -12.14 -1.26
N VAL A 296 -8.32 -11.15 -1.65
CA VAL A 296 -7.72 -10.23 -0.70
C VAL A 296 -8.72 -9.32 0.02
N PHE A 297 -9.70 -8.81 -0.72
CA PHE A 297 -10.70 -7.91 -0.16
C PHE A 297 -12.00 -8.59 0.25
N GLY A 298 -12.09 -9.90 0.02
CA GLY A 298 -13.31 -10.61 0.36
C GLY A 298 -13.49 -10.80 1.86
N SER A 299 -14.74 -11.07 2.26
CA SER A 299 -15.08 -11.27 3.67
C SER A 299 -14.71 -12.66 4.15
N GLU A 300 -14.24 -13.49 3.21
CA GLU A 300 -13.83 -14.86 3.51
C GLU A 300 -13.04 -14.89 4.82
N VAL A 301 -13.47 -15.74 5.75
CA VAL A 301 -12.84 -15.87 7.05
C VAL A 301 -11.37 -16.31 6.97
N ARG B 1 -10.41 -19.47 2.09
CA ARG B 1 -9.37 -20.48 1.74
C ARG B 1 -8.07 -19.78 1.36
N HIS B 2 -8.22 -18.68 0.63
CA HIS B 2 -7.07 -17.89 0.20
C HIS B 2 -6.01 -18.74 -0.50
N LYS B 3 -6.43 -19.48 -1.52
CA LYS B 3 -5.54 -20.34 -2.27
C LYS B 3 -4.47 -19.52 -2.99
N ILE B 4 -4.90 -18.48 -3.69
CA ILE B 4 -3.98 -17.62 -4.42
C ILE B 4 -2.96 -16.97 -3.51
N LEU B 5 -3.42 -16.35 -2.43
CA LEU B 5 -2.52 -15.70 -1.48
C LEU B 5 -1.50 -16.67 -0.92
N HIS B 6 -1.93 -17.86 -0.49
CA HIS B 6 -1.02 -18.85 0.04
C HIS B 6 0.03 -19.20 -1.00
N ARG B 7 -0.39 -19.26 -2.25
CA ARG B 7 0.51 -19.61 -3.33
C ARG B 7 1.55 -18.53 -3.61
N LEU B 8 1.15 -17.27 -3.52
CA LEU B 8 2.07 -16.16 -3.77
C LEU B 8 3.00 -15.94 -2.58
N LEU B 9 2.55 -16.24 -1.37
CA LEU B 9 3.35 -16.07 -0.17
C LEU B 9 4.29 -17.23 0.01
N GLN B 10 4.35 -18.06 -1.01
CA GLN B 10 5.16 -19.25 -1.03
C GLN B 10 6.38 -19.05 -1.92
N GLU B 11 7.56 -19.42 -1.43
CA GLU B 11 8.77 -19.29 -2.26
C GLU B 11 9.68 -20.51 -2.10
MG MG C . 5.08 2.49 16.81
C20 C5D D . -8.16 2.38 -5.60
C22 C5D D . -9.28 2.14 -6.61
C23 C5D D . -10.03 0.91 -6.49
C24 C5D D . -10.66 -0.08 -6.38
C25 C5D D . -11.42 -1.31 -6.26
C27 C5D D . -10.52 -2.52 -5.91
C26 C5D D . -12.23 -1.51 -7.60
O3 C5D D . -12.31 -1.05 -5.18
F11 C5D D . -11.27 -3.62 -5.73
F19 C5D D . -9.87 -2.26 -4.77
F21 C5D D . -9.63 -2.75 -6.88
F28 C5D D . -13.00 -2.59 -7.52
F29 C5D D . -11.39 -1.67 -8.63
F30 C5D D . -13.00 -0.46 -7.84
O2 C5D D . 2.07 4.25 -8.23
C1 C5D D . 0.77 1.64 -7.51
C2 C5D D . 1.81 1.88 -8.65
C3 C5D D . 1.70 3.31 -9.24
C4 C5D D . 0.26 3.61 -9.74
C5 C5D D . -0.80 3.39 -8.67
C6 C5D D . -1.72 4.29 -8.32
C7 C5D D . -2.82 4.31 -7.31
C8 C5D D . -4.05 4.74 -7.47
C10 C5D D . -0.66 2.02 -8.00
C12 C5D D . -6.88 4.31 -8.29
C13 C5D D . -6.32 3.61 -7.02
C14 C5D D . -5.17 4.53 -6.46
C15 C5D D . -4.86 3.86 -5.06
C16 C5D D . -6.22 3.30 -4.59
C17 C5D D . -7.21 3.59 -5.73
C18 C5D D . -5.80 2.25 -7.57
O1 C5D D . 0.84 0.30 -7.00
C9 C5D D . -7.84 4.99 -5.48
#